data_5KO9
#
_entry.id   5KO9
#
_cell.length_a   80.102
_cell.length_b   44.745
_cell.length_c   82.901
_cell.angle_alpha   90.000
_cell.angle_beta   107.150
_cell.angle_gamma   90.000
#
_symmetry.space_group_name_H-M   'I 1 2 1'
#
loop_
_entity.id
_entity.type
_entity.pdbx_description
1 polymer 'Embryonic stem cell-specific 5-hydroxymethylcytosine-binding protein'
2 non-polymer 'UNKNOWN ATOM OR ION'
3 water water
#
_entity_poly.entity_id   1
_entity_poly.type   'polypeptide(L)'
_entity_poly.pdbx_seq_one_letter_code
;MCGRTSCHLPRDVLTRACAYQDRRGQQRLPEWRDPDKYCPSYNKSPQSNSPVLLSRLHFEKDADSSERIIAPMRWGLVPS
WFKESDPSKLQFNTTNCRSDTVMEKRSFKVPLGKGRRCVVLADGFYEWQRCQGTNQRQPYFIYFPQIKTEKSGSIGAADS
PENWEKVWDNWRLLTMAGIFDCWEPPEGGDVLYSYTIITVDSCKGLSDIHHRMPAILDGEEAVSKWLDFGEVSTQEALKL
IHPTENITFHAVSSVVNNSRNNTPECLAPVAENLYFQ
;
_entity_poly.pdbx_strand_id   A
#
# COMPACT_ATOMS: atom_id res chain seq x y z
N CYS A 2 1.03 6.10 -8.22
CA CYS A 2 0.46 7.10 -7.32
C CYS A 2 1.46 7.37 -6.24
N GLY A 3 1.60 8.64 -5.96
CA GLY A 3 2.71 9.15 -5.19
C GLY A 3 2.33 9.80 -3.91
N ARG A 4 1.05 9.67 -3.54
CA ARG A 4 0.59 10.24 -2.30
C ARG A 4 -0.65 9.48 -1.84
N THR A 5 -0.78 9.21 -0.53
CA THR A 5 -1.99 8.56 -0.01
C THR A 5 -2.47 9.23 1.26
N SER A 6 -3.65 8.82 1.73
CA SER A 6 -4.12 9.12 3.07
C SER A 6 -4.16 7.78 3.81
N CYS A 7 -3.68 7.77 5.06
CA CYS A 7 -3.88 6.64 5.95
C CYS A 7 -3.87 7.16 7.40
N HIS A 8 -5.05 7.61 7.83
CA HIS A 8 -5.18 8.39 9.06
C HIS A 8 -5.86 7.69 10.22
N LEU A 9 -6.47 6.53 9.98
CA LEU A 9 -7.30 5.97 11.04
C LEU A 9 -6.44 5.47 12.19
N PRO A 10 -6.92 5.62 13.42
CA PRO A 10 -6.16 5.07 14.55
C PRO A 10 -6.04 3.55 14.52
N ARG A 11 -5.01 3.03 15.16
CA ARG A 11 -4.63 1.63 15.12
C ARG A 11 -5.81 0.64 15.28
N ASP A 12 -6.67 0.85 16.27
CA ASP A 12 -7.70 -0.16 16.51
CA ASP A 12 -7.80 -0.07 16.56
C ASP A 12 -8.83 -0.10 15.46
N VAL A 13 -9.10 1.07 14.91
CA VAL A 13 -10.09 1.26 13.85
C VAL A 13 -9.58 0.59 12.56
N LEU A 14 -8.31 0.86 12.28
CA LEU A 14 -7.63 0.23 11.16
C LEU A 14 -7.69 -1.27 11.25
N THR A 15 -7.37 -1.81 12.42
CA THR A 15 -7.36 -3.24 12.65
C THR A 15 -8.76 -3.83 12.39
N ARG A 16 -9.78 -3.19 12.94
CA ARG A 16 -11.15 -3.65 12.76
C ARG A 16 -11.53 -3.67 11.26
N ALA A 17 -11.05 -2.68 10.54
CA ALA A 17 -11.26 -2.56 9.09
C ALA A 17 -10.57 -3.65 8.29
N CYS A 18 -9.71 -4.43 8.93
CA CYS A 18 -8.93 -5.51 8.31
C CYS A 18 -9.38 -6.89 8.80
N ALA A 19 -10.53 -6.96 9.47
CA ALA A 19 -11.09 -8.25 9.90
C ALA A 19 -11.19 -9.18 8.70
N TYR A 20 -10.85 -10.45 8.91
CA TYR A 20 -10.77 -11.41 7.79
C TYR A 20 -11.03 -12.81 8.29
N GLN A 21 -11.11 -13.77 7.38
CA GLN A 21 -11.13 -15.18 7.71
C GLN A 21 -9.91 -15.86 7.17
N ASP A 22 -9.29 -16.74 7.96
CA ASP A 22 -8.23 -17.59 7.44
C ASP A 22 -8.75 -18.65 6.48
N ARG A 23 -7.85 -19.49 5.97
CA ARG A 23 -8.20 -20.48 4.93
CA ARG A 23 -8.26 -20.42 4.91
C ARG A 23 -9.31 -21.42 5.37
N ARG A 24 -9.38 -21.73 6.66
CA ARG A 24 -10.39 -22.62 7.23
C ARG A 24 -11.67 -21.90 7.64
N GLY A 25 -11.79 -20.62 7.34
CA GLY A 25 -12.97 -19.88 7.68
C GLY A 25 -13.05 -19.27 9.07
N GLN A 26 -11.97 -19.39 9.86
N GLN A 26 -11.98 -19.38 9.85
CA GLN A 26 -11.94 -18.80 11.20
CA GLN A 26 -11.95 -18.82 11.19
C GLN A 26 -11.78 -17.29 11.13
C GLN A 26 -11.76 -17.30 11.15
N GLN A 27 -12.64 -16.58 11.84
CA GLN A 27 -12.62 -15.13 11.89
C GLN A 27 -11.44 -14.68 12.72
N ARG A 28 -10.66 -13.76 12.15
CA ARG A 28 -9.48 -13.20 12.82
C ARG A 28 -9.34 -11.73 12.59
N LEU A 29 -8.51 -11.11 13.43
CA LEU A 29 -8.03 -9.75 13.21
C LEU A 29 -6.52 -9.89 13.00
N PRO A 30 -5.97 -9.09 12.08
CA PRO A 30 -4.52 -9.23 11.86
C PRO A 30 -3.77 -8.75 13.10
N GLU A 31 -2.66 -9.40 13.39
N GLU A 31 -2.65 -9.38 13.39
CA GLU A 31 -1.77 -9.05 14.49
CA GLU A 31 -1.83 -8.99 14.52
C GLU A 31 -0.78 -8.01 14.01
C GLU A 31 -0.74 -8.05 14.04
N TRP A 32 -0.45 -7.04 14.85
CA TRP A 32 0.53 -6.01 14.48
C TRP A 32 1.94 -6.41 14.77
N ARG A 33 2.86 -6.02 13.87
CA ARG A 33 4.29 -6.06 14.18
CA ARG A 33 4.31 -6.06 14.12
C ARG A 33 4.83 -4.65 13.89
N ASP A 34 5.87 -4.26 14.63
CA ASP A 34 6.44 -2.90 14.58
C ASP A 34 5.37 -1.82 14.73
N PRO A 35 4.40 -1.98 15.65
CA PRO A 35 3.27 -1.05 15.67
C PRO A 35 3.62 0.40 16.01
N ASP A 36 4.74 0.64 16.69
CA ASP A 36 5.18 1.99 17.03
CA ASP A 36 5.09 2.02 17.02
C ASP A 36 5.60 2.82 15.81
N LYS A 37 5.91 2.13 14.71
CA LYS A 37 6.21 2.81 13.45
C LYS A 37 4.96 3.42 12.76
N TYR A 38 3.75 3.16 13.25
CA TYR A 38 2.52 3.65 12.62
C TYR A 38 2.27 5.07 13.06
N CYS A 39 2.31 6.01 12.13
CA CYS A 39 1.95 7.38 12.43
CA CYS A 39 1.97 7.40 12.40
C CYS A 39 0.86 7.82 11.43
N PRO A 40 -0.41 7.91 11.92
CA PRO A 40 -1.52 8.26 11.06
C PRO A 40 -1.34 9.64 10.44
N SER A 41 -1.72 9.74 9.17
CA SER A 41 -1.69 11.04 8.48
C SER A 41 -2.65 11.02 7.31
N TYR A 42 -3.25 12.17 7.04
CA TYR A 42 -4.05 12.34 5.84
C TYR A 42 -3.20 12.56 4.57
N ASN A 43 -1.88 12.67 4.71
CA ASN A 43 -1.01 13.09 3.62
C ASN A 43 0.35 12.42 3.70
N LYS A 44 0.35 11.16 3.25
CA LYS A 44 1.52 10.30 3.24
C LYS A 44 2.28 10.42 1.94
N SER A 45 3.58 10.62 2.07
CA SER A 45 4.48 10.74 0.94
C SER A 45 5.49 9.62 0.99
N PRO A 46 6.15 9.37 -0.14
CA PRO A 46 7.31 8.50 -0.15
C PRO A 46 8.28 8.80 1.01
N GLN A 47 8.86 7.72 1.54
CA GLN A 47 9.81 7.71 2.68
CA GLN A 47 9.83 7.73 2.67
C GLN A 47 9.14 7.70 4.04
N SER A 48 7.82 7.93 4.09
CA SER A 48 7.03 7.74 5.30
C SER A 48 6.67 6.26 5.45
N ASN A 49 6.17 5.86 6.61
CA ASN A 49 5.74 4.47 6.85
C ASN A 49 4.24 4.39 6.70
N SER A 50 3.76 3.29 6.11
CA SER A 50 2.33 3.01 6.06
C SER A 50 2.15 1.55 6.44
N PRO A 51 1.02 1.24 7.06
CA PRO A 51 0.70 -0.16 7.36
C PRO A 51 0.44 -0.98 6.08
N VAL A 52 1.04 -2.17 6.06
CA VAL A 52 0.77 -3.15 5.03
C VAL A 52 0.38 -4.47 5.67
N LEU A 53 -0.39 -5.25 4.92
CA LEU A 53 -0.58 -6.65 5.27
C LEU A 53 0.44 -7.55 4.62
N LEU A 54 0.90 -8.56 5.36
CA LEU A 54 1.79 -9.58 4.83
C LEU A 54 1.48 -10.92 5.49
N SER A 55 1.84 -11.99 4.83
CA SER A 55 1.54 -13.31 5.39
C SER A 55 2.32 -13.54 6.69
N ARG A 56 1.65 -14.15 7.64
CA ARG A 56 2.29 -14.56 8.92
C ARG A 56 3.47 -15.52 8.70
N LEU A 57 3.50 -16.22 7.57
CA LEU A 57 4.60 -17.16 7.27
C LEU A 57 5.93 -16.41 7.10
N HIS A 58 5.89 -15.10 6.85
CA HIS A 58 7.14 -14.31 6.87
C HIS A 58 7.75 -14.14 8.27
N PHE A 59 6.97 -14.38 9.32
CA PHE A 59 7.42 -14.20 10.69
C PHE A 59 7.62 -15.46 11.49
N GLU A 60 6.94 -16.53 11.10
CA GLU A 60 7.02 -17.82 11.80
C GLU A 60 7.11 -18.92 10.78
N LYS A 61 8.08 -19.82 10.92
CA LYS A 61 8.32 -20.85 9.94
C LYS A 61 7.19 -21.85 9.81
N ASP A 62 6.36 -21.97 10.84
CA ASP A 62 5.27 -22.92 10.87
C ASP A 62 3.90 -22.27 10.95
N ALA A 63 3.82 -20.99 10.59
CA ALA A 63 2.52 -20.31 10.56
C ALA A 63 1.67 -20.80 9.42
N ASP A 64 0.38 -20.71 9.65
CA ASP A 64 -0.63 -20.80 8.57
C ASP A 64 -0.39 -19.57 7.70
N SER A 65 -0.06 -19.79 6.44
CA SER A 65 0.28 -18.71 5.53
C SER A 65 -0.92 -17.86 5.11
N SER A 66 -2.14 -18.30 5.43
CA SER A 66 -3.34 -17.48 5.23
C SER A 66 -3.60 -16.52 6.39
N GLU A 67 -2.87 -16.64 7.50
CA GLU A 67 -2.99 -15.66 8.57
C GLU A 67 -2.22 -14.40 8.18
N ARG A 68 -2.67 -13.26 8.68
CA ARG A 68 -2.21 -11.93 8.25
C ARG A 68 -1.59 -11.13 9.38
N ILE A 69 -0.46 -10.50 9.07
CA ILE A 69 0.17 -9.51 9.95
C ILE A 69 -0.03 -8.13 9.32
N ILE A 70 -0.20 -7.11 10.17
CA ILE A 70 -0.19 -5.74 9.75
CA ILE A 70 -0.17 -5.69 9.76
C ILE A 70 1.10 -5.14 10.32
N ALA A 71 1.94 -4.59 9.45
CA ALA A 71 3.20 -3.95 9.87
C ALA A 71 3.43 -2.67 9.09
N PRO A 72 3.82 -1.59 9.78
CA PRO A 72 4.24 -0.41 9.04
C PRO A 72 5.55 -0.68 8.34
N MET A 73 5.66 -0.21 7.10
CA MET A 73 6.86 -0.34 6.31
C MET A 73 7.15 0.98 5.62
N ARG A 74 8.43 1.18 5.28
CA ARG A 74 8.85 2.40 4.61
C ARG A 74 8.40 2.36 3.15
N TRP A 75 7.76 3.43 2.70
CA TRP A 75 7.39 3.56 1.30
C TRP A 75 8.58 4.02 0.48
N GLY A 76 9.04 3.15 -0.37
CA GLY A 76 10.24 3.37 -1.15
C GLY A 76 11.17 2.21 -0.92
N LEU A 77 11.22 1.34 -1.90
CA LEU A 77 11.87 0.06 -1.76
C LEU A 77 13.38 0.26 -1.62
N VAL A 78 13.94 -0.29 -0.55
CA VAL A 78 15.40 -0.33 -0.31
C VAL A 78 15.83 -1.76 -0.55
N PRO A 79 16.41 -2.06 -1.72
CA PRO A 79 16.73 -3.46 -2.03
C PRO A 79 17.76 -4.03 -1.04
N SER A 80 17.63 -5.33 -0.81
CA SER A 80 18.50 -6.07 0.10
C SER A 80 20.00 -5.85 -0.19
N TRP A 81 20.32 -5.59 -1.46
CA TRP A 81 21.72 -5.46 -1.89
C TRP A 81 22.26 -4.05 -1.83
N PHE A 82 21.46 -3.05 -1.42
CA PHE A 82 21.92 -1.65 -1.34
C PHE A 82 23.11 -1.58 -0.37
N LYS A 83 24.20 -0.90 -0.78
CA LYS A 83 25.47 -0.96 -0.04
C LYS A 83 25.85 0.31 0.76
N GLU A 84 25.13 1.43 0.59
CA GLU A 84 25.47 2.66 1.33
C GLU A 84 24.86 2.63 2.74
N SER A 85 25.26 3.59 3.57
CA SER A 85 25.02 3.54 5.01
C SER A 85 23.59 3.90 5.43
N ASP A 86 22.86 4.56 4.53
CA ASP A 86 21.61 5.20 4.87
C ASP A 86 20.67 5.14 3.65
N PRO A 87 19.37 4.83 3.87
CA PRO A 87 18.42 4.84 2.73
C PRO A 87 18.24 6.21 2.03
N SER A 88 18.50 7.31 2.73
CA SER A 88 18.48 8.65 2.11
C SER A 88 19.48 8.78 0.95
N LYS A 89 20.58 8.02 1.02
CA LYS A 89 21.59 7.99 -0.04
C LYS A 89 21.21 7.18 -1.30
N LEU A 90 19.99 6.66 -1.38
CA LEU A 90 19.47 6.05 -2.63
C LEU A 90 19.16 7.16 -3.65
N GLN A 91 19.58 6.94 -4.90
CA GLN A 91 19.35 7.90 -5.99
C GLN A 91 17.86 8.05 -6.35
N PHE A 92 17.15 6.92 -6.40
CA PHE A 92 15.70 6.90 -6.67
C PHE A 92 14.99 6.24 -5.48
N ASN A 93 13.77 6.71 -5.21
CA ASN A 93 12.94 6.22 -4.10
C ASN A 93 12.32 4.82 -4.35
N THR A 94 11.87 4.56 -5.58
CA THR A 94 11.21 3.28 -5.96
C THR A 94 9.90 3.12 -5.19
N THR A 95 9.06 4.10 -5.38
CA THR A 95 7.79 4.16 -4.68
C THR A 95 6.69 3.42 -5.46
N ASN A 96 6.86 3.31 -6.77
CA ASN A 96 5.93 2.65 -7.68
C ASN A 96 6.74 1.79 -8.59
N CYS A 97 6.13 0.73 -9.09
CA CYS A 97 6.70 -0.08 -10.14
C CYS A 97 5.63 -0.61 -11.09
N ARG A 98 5.93 -0.53 -12.38
CA ARG A 98 4.98 -0.96 -13.38
C ARG A 98 4.77 -2.46 -13.34
N SER A 99 3.53 -2.92 -13.43
CA SER A 99 3.26 -4.33 -13.47
C SER A 99 4.00 -5.02 -14.62
N ASP A 100 4.20 -4.31 -15.75
CA ASP A 100 4.90 -4.94 -16.89
C ASP A 100 6.44 -4.95 -16.79
N THR A 101 6.99 -4.46 -15.68
CA THR A 101 8.43 -4.55 -15.43
C THR A 101 8.81 -5.45 -14.24
N VAL A 102 7.84 -5.94 -13.47
CA VAL A 102 8.20 -6.57 -12.18
C VAL A 102 9.00 -7.86 -12.34
N MET A 103 8.80 -8.56 -13.45
CA MET A 103 9.59 -9.76 -13.75
C MET A 103 10.86 -9.48 -14.57
N GLU A 104 11.12 -8.21 -14.89
CA GLU A 104 12.29 -7.80 -15.67
C GLU A 104 13.36 -7.11 -14.85
N LYS A 105 13.01 -6.59 -13.68
CA LYS A 105 13.94 -5.82 -12.88
C LYS A 105 14.29 -6.59 -11.63
N ARG A 106 15.60 -6.67 -11.37
CA ARG A 106 16.17 -7.36 -10.21
C ARG A 106 15.53 -6.95 -8.88
N SER A 107 15.27 -5.66 -8.74
CA SER A 107 14.78 -5.08 -7.51
C SER A 107 13.41 -5.61 -7.13
N PHE A 108 12.64 -6.03 -8.13
CA PHE A 108 11.29 -6.57 -7.89
C PHE A 108 11.22 -8.07 -8.00
N LYS A 109 11.95 -8.64 -8.97
CA LYS A 109 11.85 -10.04 -9.26
C LYS A 109 12.38 -10.88 -8.10
N VAL A 110 13.46 -10.43 -7.47
CA VAL A 110 14.07 -11.16 -6.36
C VAL A 110 13.16 -11.22 -5.12
N PRO A 111 12.69 -10.04 -4.62
CA PRO A 111 11.74 -10.15 -3.52
C PRO A 111 10.51 -10.95 -3.86
N LEU A 112 9.98 -10.87 -5.09
CA LEU A 112 8.84 -11.73 -5.47
C LEU A 112 9.17 -13.22 -5.36
N GLY A 113 10.38 -13.60 -5.77
CA GLY A 113 10.86 -14.96 -5.57
C GLY A 113 10.90 -15.45 -4.13
N LYS A 114 11.10 -14.52 -3.21
CA LYS A 114 11.03 -14.80 -1.78
C LYS A 114 9.59 -14.70 -1.21
N GLY A 115 8.58 -14.48 -2.09
CA GLY A 115 7.20 -14.37 -1.64
C GLY A 115 6.85 -13.08 -0.92
N ARG A 116 7.65 -12.03 -1.13
CA ARG A 116 7.50 -10.77 -0.39
C ARG A 116 6.44 -9.88 -1.07
N ARG A 117 5.22 -10.41 -1.05
CA ARG A 117 4.02 -9.77 -1.57
C ARG A 117 3.28 -9.16 -0.39
N CYS A 118 2.99 -7.86 -0.43
CA CYS A 118 2.20 -7.23 0.64
C CYS A 118 0.99 -6.54 0.07
N VAL A 119 0.06 -6.19 0.95
CA VAL A 119 -1.09 -5.36 0.59
C VAL A 119 -0.98 -4.02 1.29
N VAL A 120 -0.80 -2.97 0.49
CA VAL A 120 -0.55 -1.65 1.05
C VAL A 120 -1.92 -1.05 1.36
N LEU A 121 -2.10 -0.59 2.60
CA LEU A 121 -3.38 0.00 3.02
C LEU A 121 -3.40 1.51 2.88
N ALA A 122 -4.59 2.02 2.58
CA ALA A 122 -4.80 3.46 2.53
C ALA A 122 -6.28 3.74 2.67
N ASP A 123 -6.60 4.92 3.21
CA ASP A 123 -7.97 5.38 3.08
C ASP A 123 -8.34 5.48 1.59
N GLY A 124 -7.40 5.99 0.80
CA GLY A 124 -7.49 6.25 -0.62
C GLY A 124 -6.15 6.86 -1.03
N PHE A 125 -6.02 7.16 -2.32
CA PHE A 125 -4.81 7.82 -2.83
C PHE A 125 -5.15 9.11 -3.52
N TYR A 126 -4.14 9.95 -3.66
CA TYR A 126 -4.30 11.19 -4.38
C TYR A 126 -3.63 11.13 -5.73
N GLU A 127 -4.22 11.83 -6.70
CA GLU A 127 -3.64 11.95 -8.00
C GLU A 127 -3.99 13.33 -8.57
N TRP A 128 -3.09 13.84 -9.40
CA TRP A 128 -3.18 15.17 -9.97
C TRP A 128 -3.45 15.08 -11.47
N GLN A 129 -4.53 15.72 -11.89
CA GLN A 129 -4.99 15.67 -13.28
C GLN A 129 -4.27 16.73 -14.10
N ARG A 130 -3.57 16.30 -15.15
CA ARG A 130 -2.97 17.19 -16.16
C ARG A 130 -4.10 17.69 -17.08
N CYS A 131 -4.19 19.00 -17.24
CA CYS A 131 -5.23 19.61 -18.05
C CYS A 131 -4.60 20.27 -19.26
N GLN A 132 -5.36 20.26 -20.35
CA GLN A 132 -4.86 20.64 -21.66
C GLN A 132 -4.75 22.16 -21.73
N GLY A 133 -3.61 22.65 -22.19
CA GLY A 133 -3.38 24.10 -22.32
C GLY A 133 -3.10 24.85 -21.04
N THR A 134 -2.61 24.15 -20.01
CA THR A 134 -2.07 24.81 -18.80
C THR A 134 -1.13 23.87 -18.03
N ASN A 135 -0.35 24.46 -17.12
CA ASN A 135 0.58 23.69 -16.25
C ASN A 135 0.02 23.35 -14.87
N GLN A 136 -1.09 23.98 -14.47
CA GLN A 136 -1.72 23.69 -13.18
C GLN A 136 -2.45 22.32 -13.24
N ARG A 137 -2.34 21.55 -12.16
CA ARG A 137 -2.94 20.22 -12.08
C ARG A 137 -3.95 20.16 -10.94
N GLN A 138 -5.07 19.46 -11.16
CA GLN A 138 -6.17 19.40 -10.22
C GLN A 138 -6.01 18.12 -9.35
N PRO A 139 -5.88 18.27 -8.03
CA PRO A 139 -5.85 17.06 -7.18
C PRO A 139 -7.23 16.40 -6.98
N TYR A 140 -7.19 15.06 -6.95
CA TYR A 140 -8.33 14.19 -6.67
C TYR A 140 -7.96 13.20 -5.56
N PHE A 141 -8.96 12.83 -4.76
CA PHE A 141 -8.86 11.74 -3.79
C PHE A 141 -9.65 10.59 -4.36
N ILE A 142 -9.03 9.39 -4.41
CA ILE A 142 -9.53 8.23 -5.15
C ILE A 142 -9.59 7.05 -4.18
N TYR A 143 -10.73 6.35 -4.17
CA TYR A 143 -11.07 5.42 -3.08
C TYR A 143 -12.12 4.41 -3.54
N PHE A 144 -12.25 3.31 -2.82
CA PHE A 144 -13.33 2.38 -3.08
C PHE A 144 -14.70 3.05 -2.83
N PRO A 145 -15.71 2.70 -3.65
CA PRO A 145 -17.09 3.09 -3.26
C PRO A 145 -17.40 2.63 -1.83
N GLN A 146 -18.05 3.50 -1.07
CA GLN A 146 -18.33 3.27 0.35
C GLN A 146 -19.83 2.92 0.56
N ILE A 147 -20.13 2.30 1.69
CA ILE A 147 -21.47 1.80 2.06
C ILE A 147 -22.63 2.79 1.81
N GLU A 165 -17.47 12.02 9.35
CA GLU A 165 -17.52 11.58 10.73
C GLU A 165 -18.06 10.15 10.82
N LYS A 166 -19.36 10.00 10.49
CA LYS A 166 -19.99 8.68 10.35
C LYS A 166 -19.31 7.79 9.30
N VAL A 167 -18.82 8.38 8.21
CA VAL A 167 -18.13 7.61 7.14
C VAL A 167 -16.88 6.88 7.62
N TRP A 168 -16.17 7.43 8.60
CA TRP A 168 -14.99 6.75 9.13
C TRP A 168 -15.32 5.63 10.14
N ASP A 169 -16.58 5.47 10.53
CA ASP A 169 -16.93 4.37 11.41
C ASP A 169 -16.71 3.01 10.75
N ASN A 170 -17.08 2.92 9.47
CA ASN A 170 -17.07 1.67 8.71
C ASN A 170 -16.48 1.86 7.29
N TRP A 171 -15.34 2.53 7.23
CA TRP A 171 -14.68 2.85 5.97
C TRP A 171 -14.05 1.60 5.39
N ARG A 172 -14.22 1.40 4.10
CA ARG A 172 -13.52 0.32 3.40
C ARG A 172 -12.18 0.81 2.89
N LEU A 173 -11.11 0.32 3.51
CA LEU A 173 -9.74 0.68 3.12
C LEU A 173 -9.45 0.18 1.73
N LEU A 174 -8.71 0.99 1.00
CA LEU A 174 -8.16 0.61 -0.28
C LEU A 174 -7.00 -0.37 -0.02
N THR A 175 -7.00 -1.45 -0.80
CA THR A 175 -6.06 -2.54 -0.67
C THR A 175 -5.26 -2.68 -1.96
N MET A 176 -4.03 -2.15 -1.95
CA MET A 176 -3.19 -2.09 -3.15
C MET A 176 -2.14 -3.15 -3.13
N ALA A 177 -1.84 -3.73 -4.29
CA ALA A 177 -0.78 -4.74 -4.36
C ALA A 177 0.60 -4.10 -4.30
N GLY A 178 1.42 -4.57 -3.38
CA GLY A 178 2.78 -4.13 -3.24
C GLY A 178 3.79 -5.28 -3.18
N ILE A 179 5.07 -4.90 -3.32
CA ILE A 179 6.20 -5.80 -3.13
C ILE A 179 7.06 -5.17 -2.06
N PHE A 180 7.57 -5.99 -1.14
CA PHE A 180 8.44 -5.51 -0.08
C PHE A 180 9.79 -6.18 -0.09
N ASP A 181 10.77 -5.54 0.58
CA ASP A 181 12.08 -6.16 0.72
C ASP A 181 12.63 -5.83 2.11
N CYS A 182 13.66 -6.58 2.51
CA CYS A 182 14.33 -6.40 3.79
C CYS A 182 15.80 -5.98 3.60
N TRP A 183 16.22 -4.94 4.31
CA TRP A 183 17.60 -4.43 4.17
C TRP A 183 18.22 -4.25 5.56
N GLU A 184 19.49 -4.63 5.66
CA GLU A 184 20.30 -4.47 6.88
C GLU A 184 21.42 -3.48 6.56
N PRO A 185 21.61 -2.45 7.40
CA PRO A 185 22.79 -1.59 7.25
C PRO A 185 24.09 -2.41 7.20
N PRO A 186 24.93 -2.22 6.14
CA PRO A 186 26.07 -3.14 5.94
C PRO A 186 27.05 -3.19 7.12
N GLU A 187 27.40 -2.04 7.68
CA GLU A 187 28.28 -1.98 8.86
C GLU A 187 27.58 -2.30 10.19
N GLY A 188 26.25 -2.41 10.19
CA GLY A 188 25.48 -2.87 11.36
C GLY A 188 24.30 -1.98 11.72
N GLY A 189 23.15 -2.58 12.00
CA GLY A 189 21.90 -1.88 12.33
C GLY A 189 20.65 -2.77 12.21
N ASP A 190 19.46 -2.20 12.46
CA ASP A 190 18.19 -2.98 12.42
C ASP A 190 17.68 -3.26 10.99
N VAL A 191 16.98 -4.38 10.81
CA VAL A 191 16.38 -4.76 9.51
C VAL A 191 15.24 -3.79 9.16
N LEU A 192 15.30 -3.28 7.93
CA LEU A 192 14.35 -2.30 7.43
C LEU A 192 13.47 -3.04 6.45
N TYR A 193 12.17 -2.93 6.64
CA TYR A 193 11.18 -3.43 5.69
C TYR A 193 10.67 -2.22 4.93
N SER A 194 10.65 -2.34 3.60
CA SER A 194 10.23 -1.25 2.73
C SER A 194 9.44 -1.79 1.58
N TYR A 195 8.67 -0.94 0.92
CA TYR A 195 7.78 -1.42 -0.12
C TYR A 195 7.62 -0.47 -1.31
N THR A 196 7.10 -1.05 -2.40
CA THR A 196 6.71 -0.29 -3.59
C THR A 196 5.31 -0.76 -3.98
N ILE A 197 4.52 0.14 -4.58
CA ILE A 197 3.16 -0.18 -5.02
C ILE A 197 3.21 -0.49 -6.50
N ILE A 198 2.58 -1.57 -6.90
CA ILE A 198 2.51 -1.96 -8.32
C ILE A 198 1.46 -1.09 -9.00
N THR A 199 1.78 -0.64 -10.21
CA THR A 199 0.88 0.18 -11.03
C THR A 199 0.47 -0.52 -12.30
N VAL A 200 -0.68 -0.10 -12.83
CA VAL A 200 -1.27 -0.63 -14.04
C VAL A 200 -1.91 0.55 -14.82
N ASP A 201 -2.44 0.28 -16.00
CA ASP A 201 -3.18 1.32 -16.73
C ASP A 201 -4.45 1.72 -15.97
N SER A 202 -4.85 2.98 -16.05
CA SER A 202 -6.13 3.40 -15.45
C SER A 202 -7.28 2.81 -16.23
N CYS A 203 -8.35 2.50 -15.50
CA CYS A 203 -9.62 2.11 -16.09
C CYS A 203 -10.27 3.33 -16.73
N LYS A 204 -11.27 3.09 -17.58
CA LYS A 204 -11.97 4.20 -18.23
C LYS A 204 -12.47 5.24 -17.23
N GLY A 205 -12.99 4.80 -16.07
CA GLY A 205 -13.47 5.74 -15.05
C GLY A 205 -12.49 6.78 -14.53
N LEU A 206 -11.20 6.42 -14.49
CA LEU A 206 -10.15 7.30 -14.02
C LEU A 206 -9.32 7.95 -15.13
N SER A 207 -9.56 7.56 -16.40
CA SER A 207 -8.70 7.93 -17.51
C SER A 207 -8.63 9.44 -17.80
N ASP A 208 -9.67 10.19 -17.48
CA ASP A 208 -9.62 11.65 -17.58
C ASP A 208 -8.73 12.28 -16.49
N ILE A 209 -8.49 11.57 -15.39
CA ILE A 209 -7.61 12.05 -14.30
C ILE A 209 -6.12 11.71 -14.57
N HIS A 210 -5.86 10.47 -14.94
CA HIS A 210 -4.49 9.99 -15.09
C HIS A 210 -4.48 8.73 -15.90
N HIS A 211 -3.36 8.45 -16.56
CA HIS A 211 -3.24 7.26 -17.40
C HIS A 211 -2.81 5.98 -16.63
N ARG A 212 -2.54 6.13 -15.33
CA ARG A 212 -2.07 5.01 -14.50
C ARG A 212 -2.93 4.95 -13.23
N MET A 213 -2.96 3.78 -12.60
CA MET A 213 -3.61 3.62 -11.31
C MET A 213 -2.87 2.51 -10.57
N PRO A 214 -3.01 2.43 -9.24
CA PRO A 214 -2.49 1.28 -8.54
C PRO A 214 -3.17 0.00 -8.95
N ALA A 215 -2.44 -1.11 -8.81
CA ALA A 215 -3.01 -2.42 -8.84
C ALA A 215 -3.81 -2.64 -7.57
N ILE A 216 -5.14 -2.65 -7.71
CA ILE A 216 -6.03 -2.78 -6.57
C ILE A 216 -6.49 -4.22 -6.48
N LEU A 217 -6.43 -4.78 -5.27
CA LEU A 217 -6.90 -6.14 -4.98
C LEU A 217 -8.29 -5.98 -4.37
N ASP A 218 -9.31 -6.27 -5.16
CA ASP A 218 -10.68 -5.94 -4.77
C ASP A 218 -11.36 -7.12 -4.10
N GLY A 219 -11.27 -7.14 -2.77
CA GLY A 219 -11.95 -8.15 -1.97
C GLY A 219 -11.06 -9.20 -1.34
N GLU A 220 -11.70 -10.02 -0.51
CA GLU A 220 -10.98 -11.00 0.30
C GLU A 220 -10.23 -12.03 -0.47
N GLU A 221 -10.83 -12.57 -1.53
CA GLU A 221 -10.14 -13.54 -2.36
C GLU A 221 -8.84 -12.99 -2.97
N ALA A 222 -8.92 -11.81 -3.60
CA ALA A 222 -7.76 -11.22 -4.25
C ALA A 222 -6.68 -10.89 -3.24
N VAL A 223 -7.08 -10.29 -2.13
CA VAL A 223 -6.15 -10.01 -1.03
C VAL A 223 -5.50 -11.28 -0.50
N SER A 224 -6.30 -12.29 -0.22
CA SER A 224 -5.75 -13.55 0.33
C SER A 224 -4.77 -14.18 -0.61
N LYS A 225 -5.10 -14.23 -1.90
CA LYS A 225 -4.20 -14.88 -2.87
CA LYS A 225 -4.21 -14.87 -2.88
C LYS A 225 -2.88 -14.11 -3.04
N TRP A 226 -2.94 -12.78 -3.08
CA TRP A 226 -1.73 -12.00 -3.17
C TRP A 226 -0.87 -12.21 -1.92
N LEU A 227 -1.49 -12.27 -0.75
CA LEU A 227 -0.70 -12.48 0.47
C LEU A 227 -0.08 -13.87 0.60
N ASP A 228 -0.81 -14.89 0.16
CA ASP A 228 -0.46 -16.27 0.53
C ASP A 228 0.56 -16.86 -0.45
N PHE A 229 1.81 -16.51 -0.22
CA PHE A 229 2.94 -16.98 -1.03
C PHE A 229 3.24 -18.44 -0.82
N GLY A 230 2.75 -18.98 0.29
CA GLY A 230 2.84 -20.40 0.59
C GLY A 230 2.08 -21.26 -0.39
N GLU A 231 0.90 -20.78 -0.83
CA GLU A 231 -0.04 -21.54 -1.69
C GLU A 231 -0.21 -20.99 -3.11
N VAL A 232 0.07 -19.71 -3.34
CA VAL A 232 -0.17 -19.07 -4.63
C VAL A 232 1.19 -18.63 -5.21
N SER A 233 1.56 -19.23 -6.35
CA SER A 233 2.82 -18.94 -6.99
C SER A 233 2.87 -17.52 -7.53
N THR A 234 4.07 -17.06 -7.85
CA THR A 234 4.25 -15.77 -8.48
C THR A 234 3.40 -15.64 -9.75
N GLN A 235 3.45 -16.67 -10.61
CA GLN A 235 2.71 -16.64 -11.86
C GLN A 235 1.20 -16.51 -11.63
N GLU A 236 0.67 -17.29 -10.69
CA GLU A 236 -0.72 -17.16 -10.33
C GLU A 236 -1.03 -15.80 -9.69
N ALA A 237 -0.16 -15.35 -8.81
CA ALA A 237 -0.41 -14.07 -8.11
C ALA A 237 -0.48 -12.91 -9.10
N LEU A 238 0.37 -12.92 -10.12
CA LEU A 238 0.41 -11.79 -11.04
C LEU A 238 -0.83 -11.72 -11.93
N LYS A 239 -1.60 -12.78 -12.04
CA LYS A 239 -2.92 -12.69 -12.74
C LYS A 239 -3.92 -11.79 -12.01
N LEU A 240 -3.63 -11.50 -10.74
CA LEU A 240 -4.49 -10.66 -9.94
C LEU A 240 -4.23 -9.18 -10.21
N ILE A 241 -3.17 -8.88 -10.96
CA ILE A 241 -2.65 -7.53 -11.16
C ILE A 241 -3.16 -7.00 -12.50
N HIS A 242 -4.04 -6.02 -12.44
CA HIS A 242 -4.67 -5.46 -13.65
C HIS A 242 -5.47 -4.24 -13.34
N PRO A 243 -5.82 -3.48 -14.40
CA PRO A 243 -6.74 -2.39 -14.18
C PRO A 243 -8.04 -2.90 -13.55
N THR A 244 -8.63 -2.10 -12.70
CA THR A 244 -9.92 -2.42 -12.09
C THR A 244 -10.85 -1.21 -12.16
N GLU A 245 -12.15 -1.51 -12.17
CA GLU A 245 -13.22 -0.53 -12.37
C GLU A 245 -13.90 -0.05 -11.09
N ASN A 246 -13.76 -0.81 -10.01
CA ASN A 246 -14.51 -0.56 -8.79
C ASN A 246 -13.80 0.50 -7.95
N ILE A 247 -14.01 1.76 -8.31
CA ILE A 247 -13.27 2.85 -7.75
C ILE A 247 -14.07 4.12 -7.99
N THR A 248 -13.94 5.07 -7.08
CA THR A 248 -14.58 6.39 -7.25
C THR A 248 -13.62 7.45 -6.79
N PHE A 249 -14.04 8.71 -6.86
CA PHE A 249 -13.10 9.83 -6.65
C PHE A 249 -13.86 11.13 -6.48
N HIS A 250 -13.19 12.12 -5.92
CA HIS A 250 -13.74 13.50 -5.95
C HIS A 250 -12.59 14.47 -5.94
N ALA A 251 -12.85 15.68 -6.46
CA ALA A 251 -11.85 16.72 -6.41
C ALA A 251 -11.65 17.19 -4.99
N VAL A 252 -10.42 17.58 -4.68
CA VAL A 252 -10.08 18.14 -3.39
C VAL A 252 -9.41 19.49 -3.59
N SER A 253 -9.24 20.20 -2.48
CA SER A 253 -8.55 21.51 -2.49
C SER A 253 -7.05 21.42 -2.72
N SER A 254 -6.40 22.57 -2.88
CA SER A 254 -4.94 22.62 -2.95
C SER A 254 -4.22 22.35 -1.61
N VAL A 255 -4.94 22.18 -0.51
CA VAL A 255 -4.29 21.95 0.79
C VAL A 255 -3.33 20.75 0.73
N VAL A 256 -3.77 19.67 0.07
CA VAL A 256 -2.97 18.45 -0.05
C VAL A 256 -1.69 18.65 -0.85
N ASN A 257 -1.67 19.63 -1.76
CA ASN A 257 -0.51 19.81 -2.66
C ASN A 257 0.79 19.88 -1.88
N ASN A 258 0.78 20.67 -0.81
CA ASN A 258 1.86 20.72 0.19
C ASN A 258 1.87 19.44 1.04
N SER A 259 2.82 18.58 0.73
CA SER A 259 3.10 17.36 1.48
C SER A 259 3.29 17.54 3.00
N ARG A 260 3.52 18.78 3.48
CA ARG A 260 3.62 19.02 4.93
CA ARG A 260 3.63 19.04 4.92
C ARG A 260 2.28 19.26 5.62
N ASN A 261 1.20 19.42 4.85
CA ASN A 261 -0.12 19.63 5.43
C ASN A 261 -0.78 18.28 5.75
N ASN A 262 -0.88 17.96 7.04
CA ASN A 262 -1.65 16.79 7.51
C ASN A 262 -2.92 17.26 8.24
N THR A 263 -4.01 17.32 7.51
CA THR A 263 -5.30 17.76 8.04
CA THR A 263 -5.32 17.72 8.06
C THR A 263 -6.46 17.05 7.34
N PRO A 264 -7.64 16.93 8.01
CA PRO A 264 -8.84 16.39 7.35
C PRO A 264 -9.23 17.08 6.06
N GLU A 265 -8.90 18.37 5.93
CA GLU A 265 -9.20 19.12 4.70
C GLU A 265 -8.51 18.56 3.45
N CYS A 266 -7.39 17.86 3.62
CA CYS A 266 -6.66 17.23 2.50
C CYS A 266 -7.57 16.44 1.58
N LEU A 267 -8.48 15.65 2.16
CA LEU A 267 -9.35 14.76 1.37
C LEU A 267 -10.82 15.18 1.29
N ALA A 268 -11.15 16.37 1.79
CA ALA A 268 -12.53 16.87 1.77
C ALA A 268 -12.97 17.23 0.36
N PRO A 269 -14.20 16.82 -0.04
CA PRO A 269 -14.65 17.14 -1.40
C PRO A 269 -14.83 18.65 -1.64
N VAL A 270 -14.51 19.08 -2.86
CA VAL A 270 -14.85 20.43 -3.33
C VAL A 270 -15.57 20.31 -4.66
N ALA A 271 -16.16 21.42 -5.09
CA ALA A 271 -16.96 21.47 -6.34
C ALA A 271 -16.15 21.11 -7.60
#